data_9CJ3
#
_entry.id   9CJ3
#
_cell.length_a   88.274
_cell.length_b   63.056
_cell.length_c   90.581
_cell.angle_alpha   90.00
_cell.angle_beta   111.52
_cell.angle_gamma   90.00
#
_symmetry.space_group_name_H-M   'C 1 2 1'
#
loop_
_entity.id
_entity.type
_entity.pdbx_description
1 polymer 'Mitogen-activated protein kinase 14'
2 non-polymer 'SULFATE ION'
3 non-polymer 1,2-ETHANEDIOL
4 non-polymer GLYCEROL
5 non-polymer 'DIMETHYL SULFOXIDE'
6 non-polymer 1,3-PROPANDIOL
7 non-polymer Pexmetinib
8 water water
#
_entity_poly.entity_id   1
_entity_poly.type   'polypeptide(L)'
_entity_poly.pdbx_seq_one_letter_code
;MSQERPTFYRQELNKTIWEVPERYQNLSPVGSGAYGSVCAAFDTKTGLRVAVKKLSRPFQSIIHAKRTYRELRLLKHMKH
ENVIGLLDVFTPARSLEEFNDVYLVTHLMGADLNNIVKCQKLTDDHVQFLIYQILRGLKYIHSADIIHRDLKPSNLAVNE
DCELKILDFGLARHTDDEM(TPO)G(PTR)VATRWYRAPEIMLNWMHYNQTVDIWSVGCIMAELLTGRTLFPGTDHIDQL
KLILRLVGTPGAELLKKISSESARNYIQSLTQMPKMNFANVFIGANPLAVDLLEKMLVLDSDKRITAAQALAHAYFAQYH
DPDDEPVADPYDQSFESRDLLIDEWKSLTYDEVISFVPPPLDQEEMES
;
_entity_poly.pdbx_strand_id   A
#
loop_
_chem_comp.id
_chem_comp.type
_chem_comp.name
_chem_comp.formula
A1AWV non-polymer Pexmetinib 'C31 H33 F N6 O3'
DMS non-polymer 'DIMETHYL SULFOXIDE' 'C2 H6 O S'
EDO non-polymer 1,2-ETHANEDIOL 'C2 H6 O2'
GOL non-polymer GLYCEROL 'C3 H8 O3'
PDO non-polymer 1,3-PROPANDIOL 'C3 H8 O2'
SO4 non-polymer 'SULFATE ION' 'O4 S -2'
#
# COMPACT_ATOMS: atom_id res chain seq x y z
N GLU A 4 19.17 -25.16 12.47
CA GLU A 4 18.81 -26.47 11.84
C GLU A 4 17.75 -26.26 10.77
N ARG A 5 18.02 -26.81 9.59
CA ARG A 5 17.09 -26.68 8.47
C ARG A 5 15.82 -27.47 8.74
N PRO A 6 14.64 -26.83 8.71
CA PRO A 6 13.40 -27.59 8.88
C PRO A 6 13.23 -28.65 7.81
N THR A 7 12.39 -29.63 8.10
CA THR A 7 11.88 -30.51 7.05
C THR A 7 10.91 -29.73 6.16
N PHE A 8 11.14 -29.77 4.85
CA PHE A 8 10.28 -29.10 3.88
C PHE A 8 9.34 -30.11 3.24
N TYR A 9 8.16 -29.65 2.84
CA TYR A 9 7.30 -30.47 1.99
C TYR A 9 6.85 -29.63 0.80
N ARG A 10 6.45 -30.35 -0.25
CA ARG A 10 6.12 -29.77 -1.54
C ARG A 10 4.64 -30.00 -1.81
N GLN A 11 4.05 -29.05 -2.53
CA GLN A 11 2.61 -29.06 -2.75
C GLN A 11 2.27 -28.11 -3.87
N GLU A 12 1.40 -28.54 -4.78
CA GLU A 12 0.91 -27.67 -5.85
C GLU A 12 -0.41 -27.04 -5.41
N LEU A 13 -0.55 -25.74 -5.60
CA LEU A 13 -1.77 -25.01 -5.31
C LEU A 13 -2.00 -23.98 -6.40
N ASN A 14 -3.11 -24.13 -7.15
CA ASN A 14 -3.44 -23.24 -8.27
C ASN A 14 -2.25 -23.01 -9.17
N LYS A 15 -1.60 -24.10 -9.58
CA LYS A 15 -0.51 -24.14 -10.54
C LYS A 15 0.83 -23.71 -9.95
N THR A 16 0.87 -23.13 -8.76
CA THR A 16 2.14 -22.77 -8.14
C THR A 16 2.64 -23.95 -7.31
N ILE A 17 3.94 -24.23 -7.37
CA ILE A 17 4.56 -25.26 -6.54
C ILE A 17 5.09 -24.61 -5.26
N TRP A 18 4.59 -25.04 -4.11
CA TRP A 18 5.02 -24.49 -2.82
C TRP A 18 5.89 -25.53 -2.11
N GLU A 19 7.08 -25.11 -1.69
CA GLU A 19 7.99 -25.95 -0.91
C GLU A 19 8.30 -25.19 0.38
N VAL A 20 7.72 -25.65 1.48
CA VAL A 20 7.76 -24.87 2.72
C VAL A 20 8.06 -25.78 3.89
N PRO A 21 8.54 -25.20 4.99
CA PRO A 21 8.71 -25.99 6.22
C PRO A 21 7.39 -26.58 6.68
N GLU A 22 7.46 -27.79 7.23
CA GLU A 22 6.26 -28.49 7.68
C GLU A 22 5.52 -27.74 8.79
N ARG A 23 6.14 -26.74 9.43
CA ARG A 23 5.38 -25.95 10.40
C ARG A 23 4.20 -25.22 9.75
N TYR A 24 4.26 -24.95 8.45
CA TYR A 24 3.20 -24.19 7.76
C TYR A 24 2.29 -25.20 7.06
N GLN A 25 1.04 -25.27 7.48
CA GLN A 25 0.13 -26.29 6.98
C GLN A 25 -1.20 -25.68 6.55
N ASN A 26 -1.97 -26.48 5.82
CA ASN A 26 -3.29 -26.11 5.32
C ASN A 26 -3.19 -24.87 4.42
N LEU A 27 -2.29 -24.93 3.44
CA LEU A 27 -2.06 -23.77 2.59
C LEU A 27 -3.29 -23.53 1.72
N SER A 28 -3.75 -22.29 1.63
CA SER A 28 -4.94 -22.00 0.83
C SER A 28 -4.77 -20.66 0.12
N PRO A 29 -5.33 -20.51 -1.08
CA PRO A 29 -4.91 -19.40 -1.94
C PRO A 29 -5.54 -18.12 -1.47
N VAL A 30 -4.75 -17.05 -1.50
CA VAL A 30 -5.21 -15.71 -1.21
C VAL A 30 -5.14 -14.82 -2.45
N GLY A 31 -4.06 -14.88 -3.20
CA GLY A 31 -3.99 -14.08 -4.41
C GLY A 31 -2.84 -14.52 -5.27
N SER A 32 -2.93 -14.20 -6.57
CA SER A 32 -1.89 -14.65 -7.49
C SER A 32 -1.75 -13.65 -8.64
N GLY A 33 -0.53 -13.28 -8.97
CA GLY A 33 -0.34 -12.53 -10.20
C GLY A 33 1.04 -12.77 -10.75
N ALA A 34 1.44 -11.94 -11.72
CA ALA A 34 2.67 -12.19 -12.44
C ALA A 34 3.88 -12.27 -11.53
N TYR A 35 3.91 -11.52 -10.42
CA TYR A 35 5.12 -11.52 -9.62
C TYR A 35 5.16 -12.59 -8.54
N GLY A 36 4.07 -13.26 -8.25
CA GLY A 36 4.06 -14.27 -7.22
C GLY A 36 2.66 -14.59 -6.78
N SER A 37 2.57 -15.26 -5.65
CA SER A 37 1.30 -15.71 -5.11
CA SER A 37 1.31 -15.73 -5.12
C SER A 37 1.39 -15.65 -3.60
N VAL A 38 0.23 -15.57 -2.97
CA VAL A 38 0.11 -15.53 -1.52
C VAL A 38 -0.91 -16.59 -1.13
N CYS A 39 -0.56 -17.38 -0.13
CA CYS A 39 -1.45 -18.34 0.50
CA CYS A 39 -1.47 -18.31 0.50
C CYS A 39 -1.60 -17.97 1.96
N ALA A 40 -2.72 -18.36 2.54
CA ALA A 40 -2.91 -18.39 3.98
C ALA A 40 -2.52 -19.79 4.44
N ALA A 41 -2.05 -19.88 5.66
CA ALA A 41 -1.69 -21.16 6.22
C ALA A 41 -1.83 -21.07 7.72
N PHE A 42 -1.68 -22.23 8.33
CA PHE A 42 -1.63 -22.34 9.76
CA PHE A 42 -1.64 -22.36 9.77
C PHE A 42 -0.19 -22.64 10.18
N ASP A 43 0.33 -21.82 11.09
CA ASP A 43 1.66 -22.07 11.65
C ASP A 43 1.50 -22.93 12.89
N THR A 44 1.84 -24.21 12.79
CA THR A 44 1.65 -25.11 13.92
C THR A 44 2.66 -24.87 15.05
N LYS A 45 3.73 -24.11 14.81
CA LYS A 45 4.60 -23.70 15.89
C LYS A 45 3.88 -22.78 16.87
N THR A 46 3.19 -21.76 16.37
CA THR A 46 2.55 -20.78 17.25
C THR A 46 1.05 -20.97 17.39
N GLY A 47 0.42 -21.77 16.54
CA GLY A 47 -1.01 -21.87 16.61
C GLY A 47 -1.73 -20.74 15.94
N LEU A 48 -1.03 -19.89 15.18
CA LEU A 48 -1.65 -18.75 14.54
C LEU A 48 -1.67 -18.92 13.02
N ARG A 49 -2.58 -18.18 12.40
CA ARG A 49 -2.67 -18.13 10.94
CA ARG A 49 -2.66 -18.15 10.94
C ARG A 49 -1.67 -17.14 10.38
N VAL A 50 -1.05 -17.49 9.26
CA VAL A 50 -0.03 -16.68 8.64
CA VAL A 50 -0.02 -16.69 8.64
C VAL A 50 -0.37 -16.54 7.17
N ALA A 51 0.20 -15.51 6.55
CA ALA A 51 0.21 -15.37 5.10
C ALA A 51 1.63 -15.60 4.63
N VAL A 52 1.76 -16.39 3.57
CA VAL A 52 3.04 -16.72 2.95
C VAL A 52 3.01 -16.20 1.52
N LYS A 53 3.98 -15.37 1.20
CA LYS A 53 4.20 -14.91 -0.16
C LYS A 53 5.39 -15.60 -0.81
N LYS A 54 5.15 -16.19 -1.97
CA LYS A 54 6.20 -16.79 -2.79
C LYS A 54 6.39 -15.92 -4.02
N LEU A 55 7.58 -15.35 -4.17
CA LEU A 55 7.91 -14.63 -5.39
CA LEU A 55 7.91 -14.63 -5.39
C LEU A 55 8.07 -15.64 -6.53
N SER A 56 7.54 -15.29 -7.69
CA SER A 56 7.65 -16.15 -8.87
C SER A 56 8.98 -15.87 -9.58
N ARG A 57 9.83 -16.89 -9.67
CA ARG A 57 11.11 -16.80 -10.37
C ARG A 57 11.80 -15.48 -10.06
N PRO A 58 12.16 -15.22 -8.81
CA PRO A 58 12.53 -13.87 -8.38
C PRO A 58 13.83 -13.39 -8.99
N PHE A 59 14.66 -14.27 -9.50
CA PHE A 59 15.91 -13.87 -10.14
C PHE A 59 15.87 -14.12 -11.64
N GLN A 60 14.68 -13.98 -12.26
CA GLN A 60 14.53 -14.18 -13.69
C GLN A 60 15.08 -13.02 -14.50
N SER A 61 15.14 -11.83 -13.93
CA SER A 61 15.61 -10.67 -14.64
C SER A 61 16.19 -9.69 -13.62
N ILE A 62 16.83 -8.63 -14.13
CA ILE A 62 17.35 -7.61 -13.21
C ILE A 62 16.20 -6.95 -12.45
N ILE A 63 15.13 -6.59 -13.15
CA ILE A 63 14.05 -5.88 -12.47
C ILE A 63 13.40 -6.76 -11.40
N HIS A 64 13.26 -8.05 -11.67
CA HIS A 64 12.70 -8.92 -10.65
C HIS A 64 13.65 -9.12 -9.47
N ALA A 65 14.95 -9.29 -9.75
CA ALA A 65 15.93 -9.52 -8.68
C ALA A 65 16.00 -8.33 -7.76
N LYS A 66 16.02 -7.12 -8.33
CA LYS A 66 16.06 -5.92 -7.51
C LYS A 66 14.74 -5.74 -6.74
N ARG A 67 13.60 -6.06 -7.36
CA ARG A 67 12.32 -5.99 -6.64
C ARG A 67 12.31 -6.94 -5.44
N THR A 68 12.82 -8.15 -5.65
CA THR A 68 12.90 -9.13 -4.57
C THR A 68 13.69 -8.60 -3.40
N TYR A 69 14.87 -8.08 -3.70
CA TYR A 69 15.73 -7.55 -2.67
C TYR A 69 15.07 -6.37 -1.98
N ARG A 70 14.48 -5.46 -2.76
CA ARG A 70 13.82 -4.29 -2.17
C ARG A 70 12.72 -4.72 -1.21
N GLU A 71 11.91 -5.67 -1.62
CA GLU A 71 10.81 -6.06 -0.77
C GLU A 71 11.31 -6.68 0.52
N LEU A 72 12.30 -7.57 0.41
CA LEU A 72 12.83 -8.21 1.61
C LEU A 72 13.52 -7.22 2.53
N ARG A 73 14.32 -6.30 1.96
CA ARG A 73 14.91 -5.23 2.78
C ARG A 73 13.83 -4.42 3.47
N LEU A 74 12.81 -4.02 2.74
CA LEU A 74 11.78 -3.17 3.34
C LEU A 74 10.98 -3.92 4.41
N LEU A 75 10.53 -5.15 4.11
CA LEU A 75 9.79 -5.92 5.10
C LEU A 75 10.63 -6.21 6.34
N LYS A 76 11.95 -6.39 6.19
CA LYS A 76 12.77 -6.63 7.36
C LYS A 76 12.88 -5.38 8.20
N HIS A 77 12.68 -4.22 7.60
CA HIS A 77 12.81 -2.98 8.34
C HIS A 77 11.53 -2.60 9.07
N MET A 78 10.36 -2.95 8.54
CA MET A 78 9.11 -2.40 9.04
C MET A 78 8.76 -3.03 10.37
N LYS A 79 8.73 -2.21 11.42
CA LYS A 79 8.44 -2.63 12.79
C LYS A 79 7.44 -1.62 13.35
N HIS A 80 6.16 -1.82 13.01
CA HIS A 80 5.10 -0.88 13.38
C HIS A 80 3.79 -1.63 13.42
N GLU A 81 2.93 -1.31 14.41
CA GLU A 81 1.67 -2.02 14.56
C GLU A 81 0.75 -1.91 13.34
N ASN A 82 0.83 -0.82 12.57
CA ASN A 82 -0.10 -0.59 11.46
C ASN A 82 0.57 -0.83 10.11
N VAL A 83 1.65 -1.60 10.09
CA VAL A 83 2.33 -1.97 8.86
C VAL A 83 2.70 -3.44 8.96
N ILE A 84 2.58 -4.14 7.83
CA ILE A 84 2.98 -5.54 7.79
C ILE A 84 4.42 -5.68 8.25
N GLY A 85 4.68 -6.73 9.05
CA GLY A 85 6.04 -7.07 9.43
C GLY A 85 6.39 -8.52 9.12
N LEU A 86 7.67 -8.79 9.11
CA LEU A 86 8.15 -10.10 8.66
C LEU A 86 8.30 -11.04 9.84
N LEU A 87 7.51 -12.10 9.81
CA LEU A 87 7.59 -13.15 10.79
C LEU A 87 8.70 -14.14 10.45
N ASP A 88 8.91 -14.42 9.16
CA ASP A 88 9.82 -15.46 8.73
C ASP A 88 10.13 -15.20 7.26
N VAL A 89 11.30 -15.63 6.83
CA VAL A 89 11.66 -15.64 5.43
C VAL A 89 12.47 -16.91 5.24
N PHE A 90 12.19 -17.64 4.17
CA PHE A 90 12.84 -18.93 4.05
C PHE A 90 13.02 -19.25 2.58
N THR A 91 13.91 -20.21 2.33
CA THR A 91 14.13 -20.75 1.02
C THR A 91 14.38 -22.23 1.24
N PRO A 92 13.91 -23.10 0.34
CA PRO A 92 14.33 -24.50 0.39
C PRO A 92 15.78 -24.70 0.03
N ALA A 93 16.41 -23.71 -0.59
CA ALA A 93 17.77 -23.90 -1.05
C ALA A 93 18.73 -23.97 0.13
N ARG A 94 19.74 -24.83 0.01
CA ARG A 94 20.71 -25.06 1.07
C ARG A 94 22.01 -24.30 0.84
N SER A 95 22.13 -23.60 -0.28
CA SER A 95 23.33 -22.86 -0.62
C SER A 95 22.93 -21.78 -1.63
N LEU A 96 23.84 -20.82 -1.81
CA LEU A 96 23.54 -19.77 -2.78
C LEU A 96 23.38 -20.37 -4.16
N GLU A 97 24.15 -21.43 -4.47
CA GLU A 97 24.15 -21.99 -5.81
C GLU A 97 22.76 -22.46 -6.22
N GLU A 98 22.03 -23.08 -5.30
CA GLU A 98 20.70 -23.59 -5.59
C GLU A 98 19.56 -22.64 -5.15
N PHE A 99 19.89 -21.43 -4.69
CA PHE A 99 18.89 -20.45 -4.25
C PHE A 99 18.15 -19.89 -5.46
N ASN A 100 16.89 -20.22 -5.58
CA ASN A 100 16.08 -19.63 -6.62
C ASN A 100 14.69 -19.23 -6.18
N ASP A 101 14.32 -19.50 -4.94
CA ASP A 101 12.98 -19.18 -4.49
C ASP A 101 13.05 -18.52 -3.12
N VAL A 102 12.19 -17.52 -2.94
CA VAL A 102 12.10 -16.77 -1.70
C VAL A 102 10.66 -16.81 -1.22
N TYR A 103 10.49 -17.09 0.07
CA TYR A 103 9.17 -17.08 0.68
C TYR A 103 9.18 -16.13 1.88
N LEU A 104 8.13 -15.33 2.00
CA LEU A 104 7.98 -14.32 3.04
C LEU A 104 6.73 -14.64 3.83
N VAL A 105 6.80 -14.50 5.15
CA VAL A 105 5.72 -14.85 6.06
C VAL A 105 5.37 -13.69 6.98
N THR A 106 4.06 -13.45 7.13
CA THR A 106 3.54 -12.48 8.09
C THR A 106 2.28 -13.02 8.77
N HIS A 107 1.88 -12.37 9.85
CA HIS A 107 0.61 -12.67 10.51
C HIS A 107 -0.57 -12.43 9.56
N LEU A 108 -1.48 -13.37 9.53
CA LEU A 108 -2.64 -13.32 8.65
C LEU A 108 -3.70 -12.45 9.32
N MET A 109 -4.11 -11.38 8.66
CA MET A 109 -5.23 -10.59 9.16
C MET A 109 -6.53 -11.15 8.60
N GLY A 110 -7.63 -10.94 9.30
CA GLY A 110 -8.91 -11.51 8.83
C GLY A 110 -9.22 -11.30 7.35
N ALA A 111 -9.00 -10.10 6.83
CA ALA A 111 -9.72 -9.70 5.62
C ALA A 111 -9.02 -8.47 5.06
N ASP A 112 -9.46 -8.03 3.90
CA ASP A 112 -9.01 -6.72 3.44
C ASP A 112 -10.13 -5.71 3.66
N LEU A 113 -9.77 -4.44 3.48
CA LEU A 113 -10.72 -3.39 3.80
C LEU A 113 -11.98 -3.48 2.96
N ASN A 114 -11.94 -4.04 1.74
CA ASN A 114 -13.16 -4.31 0.99
C ASN A 114 -14.07 -5.32 1.71
N ASN A 115 -13.50 -6.45 2.14
CA ASN A 115 -14.32 -7.50 2.72
C ASN A 115 -14.95 -7.06 4.03
N ILE A 116 -14.31 -6.10 4.73
CA ILE A 116 -14.86 -5.56 5.97
C ILE A 116 -16.13 -4.76 5.69
N VAL A 117 -16.17 -4.07 4.54
CA VAL A 117 -17.36 -3.30 4.16
C VAL A 117 -18.55 -4.23 3.88
N LYS A 118 -18.30 -5.38 3.25
CA LYS A 118 -19.38 -6.34 3.03
C LYS A 118 -19.92 -6.90 4.34
N CYS A 119 -19.05 -7.12 5.33
CA CYS A 119 -19.39 -7.79 6.59
C CYS A 119 -19.95 -6.82 7.64
N GLN A 120 -19.23 -5.74 7.95
CA GLN A 120 -19.60 -4.80 9.00
C GLN A 120 -20.20 -3.53 8.41
N LYS A 121 -21.04 -2.86 9.22
CA LYS A 121 -21.61 -1.55 8.90
C LYS A 121 -20.72 -0.47 9.56
N LEU A 122 -19.96 0.27 8.75
CA LEU A 122 -18.96 1.18 9.31
C LEU A 122 -19.63 2.48 9.72
N THR A 123 -19.82 2.66 11.01
CA THR A 123 -20.23 3.94 11.54
C THR A 123 -19.07 4.94 11.40
N ASP A 124 -19.35 6.18 11.77
CA ASP A 124 -18.32 7.21 11.69
C ASP A 124 -17.18 6.91 12.65
N ASP A 125 -17.45 6.29 13.82
CA ASP A 125 -16.39 5.89 14.74
C ASP A 125 -15.45 4.86 14.11
N HIS A 126 -16.01 3.86 13.42
CA HIS A 126 -15.19 2.91 12.69
C HIS A 126 -14.29 3.60 11.69
N VAL A 127 -14.85 4.56 10.95
CA VAL A 127 -14.09 5.23 9.91
C VAL A 127 -12.94 5.99 10.56
N GLN A 128 -13.23 6.68 11.68
CA GLN A 128 -12.19 7.39 12.41
C GLN A 128 -11.04 6.46 12.76
N PHE A 129 -11.38 5.30 13.32
CA PHE A 129 -10.36 4.35 13.78
C PHE A 129 -9.57 3.77 12.62
N LEU A 130 -10.26 3.42 11.52
CA LEU A 130 -9.56 2.82 10.40
C LEU A 130 -8.64 3.82 9.73
N ILE A 131 -9.11 5.04 9.52
CA ILE A 131 -8.26 5.99 8.83
C ILE A 131 -7.13 6.44 9.73
N TYR A 132 -7.40 6.59 11.03
CA TYR A 132 -6.36 6.88 12.01
C TYR A 132 -5.22 5.90 11.85
N GLN A 133 -5.52 4.60 11.83
CA GLN A 133 -4.48 3.57 11.72
C GLN A 133 -3.71 3.66 10.39
N ILE A 134 -4.40 3.94 9.29
CA ILE A 134 -3.70 4.09 8.02
C ILE A 134 -2.69 5.22 8.14
N LEU A 135 -3.12 6.35 8.70
CA LEU A 135 -2.26 7.52 8.78
C LEU A 135 -1.12 7.28 9.73
N ARG A 136 -1.40 6.59 10.83
CA ARG A 136 -0.36 6.25 11.79
C ARG A 136 0.70 5.39 11.11
N GLY A 137 0.28 4.37 10.36
CA GLY A 137 1.23 3.57 9.61
C GLY A 137 1.93 4.37 8.52
N LEU A 138 1.19 5.26 7.86
CA LEU A 138 1.82 6.06 6.82
C LEU A 138 2.85 6.99 7.39
N LYS A 139 2.58 7.58 8.56
CA LYS A 139 3.60 8.45 9.14
C LYS A 139 4.91 7.71 9.30
N TYR A 140 4.84 6.48 9.82
CA TYR A 140 6.01 5.63 9.99
C TYR A 140 6.70 5.33 8.65
N ILE A 141 5.91 4.90 7.66
CA ILE A 141 6.46 4.57 6.34
C ILE A 141 7.13 5.80 5.73
N HIS A 142 6.45 6.93 5.75
CA HIS A 142 7.01 8.14 5.15
C HIS A 142 8.27 8.57 5.88
N SER A 143 8.34 8.32 7.17
CA SER A 143 9.51 8.70 7.96
C SER A 143 10.74 7.88 7.57
N ALA A 144 10.56 6.75 6.89
CA ALA A 144 11.68 5.99 6.36
C ALA A 144 12.03 6.41 4.95
N ASP A 145 11.47 7.54 4.49
CA ASP A 145 11.68 8.05 3.13
C ASP A 145 11.20 7.03 2.11
N ILE A 146 10.03 6.46 2.37
CA ILE A 146 9.35 5.50 1.51
CA ILE A 146 9.36 5.51 1.50
C ILE A 146 7.99 6.07 1.14
N ILE A 147 7.63 5.95 -0.13
CA ILE A 147 6.29 6.29 -0.60
C ILE A 147 5.63 4.99 -0.96
N HIS A 148 4.40 4.79 -0.50
CA HIS A 148 3.75 3.50 -0.80
C HIS A 148 3.40 3.42 -2.28
N ARG A 149 2.70 4.44 -2.77
CA ARG A 149 2.31 4.60 -4.17
C ARG A 149 1.16 3.72 -4.63
N ASP A 150 0.80 2.71 -3.84
CA ASP A 150 -0.22 1.76 -4.27
C ASP A 150 -1.34 1.59 -3.24
N LEU A 151 -1.70 2.63 -2.52
CA LEU A 151 -2.64 2.43 -1.43
C LEU A 151 -4.02 2.25 -2.02
N LYS A 152 -4.73 1.26 -1.58
CA LYS A 152 -6.06 0.97 -2.06
C LYS A 152 -6.63 -0.04 -1.07
N PRO A 153 -7.93 -0.29 -1.07
CA PRO A 153 -8.48 -1.12 0.01
C PRO A 153 -7.98 -2.54 0.03
N SER A 154 -7.57 -3.09 -1.12
CA SER A 154 -7.04 -4.46 -1.16
C SER A 154 -5.64 -4.55 -0.58
N ASN A 155 -4.94 -3.42 -0.41
CA ASN A 155 -3.67 -3.40 0.29
C ASN A 155 -3.78 -2.99 1.78
N LEU A 156 -4.96 -3.08 2.34
CA LEU A 156 -5.12 -2.79 3.77
C LEU A 156 -5.72 -4.04 4.38
N ALA A 157 -5.05 -4.58 5.36
CA ALA A 157 -5.44 -5.83 6.00
C ALA A 157 -6.10 -5.50 7.34
N VAL A 158 -7.25 -6.09 7.59
CA VAL A 158 -8.07 -5.68 8.74
C VAL A 158 -8.56 -6.92 9.47
N ASN A 159 -8.57 -6.87 10.80
CA ASN A 159 -9.16 -7.97 11.56
CA ASN A 159 -9.16 -7.95 11.60
C ASN A 159 -10.55 -7.57 12.06
N GLU A 160 -11.21 -8.53 12.72
CA GLU A 160 -12.59 -8.31 13.15
C GLU A 160 -12.70 -7.22 14.21
N ASP A 161 -11.62 -6.98 14.95
CA ASP A 161 -11.53 -5.86 15.86
C ASP A 161 -11.23 -4.55 15.15
N CYS A 162 -11.21 -4.52 13.82
CA CYS A 162 -10.96 -3.33 13.00
CA CYS A 162 -10.98 -3.30 13.05
C CYS A 162 -9.55 -2.80 13.19
N GLU A 163 -8.65 -3.62 13.71
CA GLU A 163 -7.22 -3.31 13.66
C GLU A 163 -6.73 -3.48 12.24
N LEU A 164 -5.85 -2.57 11.83
CA LEU A 164 -5.44 -2.48 10.44
C LEU A 164 -3.92 -2.44 10.28
N LYS A 165 -3.48 -3.04 9.17
CA LYS A 165 -2.10 -2.95 8.72
C LYS A 165 -2.05 -2.63 7.24
N ILE A 166 -1.08 -1.79 6.90
CA ILE A 166 -0.77 -1.46 5.52
C ILE A 166 0.15 -2.53 4.96
N LEU A 167 -0.14 -3.02 3.77
CA LEU A 167 0.80 -3.86 3.07
C LEU A 167 0.80 -3.46 1.60
N ASP A 168 1.49 -4.26 0.78
CA ASP A 168 1.47 -4.06 -0.67
C ASP A 168 1.61 -5.45 -1.29
N PHE A 169 0.49 -5.99 -1.81
CA PHE A 169 0.54 -7.32 -2.40
C PHE A 169 1.69 -7.41 -3.40
N GLY A 170 1.79 -6.38 -4.25
CA GLY A 170 2.87 -6.29 -5.19
C GLY A 170 2.84 -7.33 -6.27
N LEU A 171 1.65 -7.87 -6.58
CA LEU A 171 1.55 -8.98 -7.50
C LEU A 171 1.27 -8.56 -8.94
N ALA A 172 0.90 -7.30 -9.19
CA ALA A 172 0.63 -6.74 -10.54
C ALA A 172 -0.63 -7.33 -11.18
N ARG A 173 -1.70 -7.44 -10.40
CA ARG A 173 -2.91 -8.07 -10.89
C ARG A 173 -3.77 -7.10 -11.71
N HIS A 174 -4.43 -7.64 -12.73
CA HIS A 174 -5.40 -6.86 -13.49
C HIS A 174 -6.65 -7.71 -13.68
N THR A 175 -7.73 -7.02 -14.05
CA THR A 175 -9.05 -7.62 -14.12
C THR A 175 -9.12 -8.53 -15.33
N GLY A 181 -13.81 -8.81 -7.23
CA GLY A 181 -13.13 -8.13 -6.14
C GLY A 181 -11.97 -7.24 -6.56
N PTR A 182 -11.82 -7.07 -7.87
CA PTR A 182 -10.74 -6.24 -8.43
C PTR A 182 -10.84 -4.81 -7.92
O PTR A 182 -11.92 -4.20 -7.94
CB PTR A 182 -10.76 -6.25 -9.96
CG PTR A 182 -9.79 -5.30 -10.62
CD1 PTR A 182 -10.26 -4.19 -11.31
CD2 PTR A 182 -8.41 -5.51 -10.57
CE1 PTR A 182 -9.40 -3.29 -11.92
CE2 PTR A 182 -7.52 -4.63 -11.18
CZ PTR A 182 -8.03 -3.52 -11.87
OH PTR A 182 -7.22 -2.65 -12.45
P PTR A 182 -7.28 -2.53 -14.19
O1P PTR A 182 -7.17 -3.99 -14.59
O2P PTR A 182 -8.62 -1.94 -14.57
O3P PTR A 182 -6.01 -1.72 -14.27
N VAL A 183 -9.71 -4.26 -7.51
CA VAL A 183 -9.60 -2.86 -7.15
C VAL A 183 -8.44 -2.24 -7.95
N ALA A 184 -8.77 -1.25 -8.80
CA ALA A 184 -7.76 -0.63 -9.64
C ALA A 184 -6.94 0.34 -8.82
N THR A 185 -5.63 0.20 -8.91
CA THR A 185 -4.73 1.18 -8.35
C THR A 185 -5.04 2.59 -8.82
N ARG A 186 -5.34 2.77 -10.11
CA ARG A 186 -5.57 4.11 -10.63
C ARG A 186 -6.72 4.83 -9.91
N TRP A 187 -7.70 4.11 -9.38
CA TRP A 187 -8.82 4.77 -8.72
C TRP A 187 -8.38 5.58 -7.50
N TYR A 188 -7.22 5.27 -6.89
CA TYR A 188 -6.72 5.90 -5.66
C TYR A 188 -5.47 6.74 -5.92
N ARG A 189 -5.08 6.89 -7.19
CA ARG A 189 -3.83 7.53 -7.58
C ARG A 189 -3.97 9.04 -7.62
N ALA A 190 -3.02 9.75 -7.06
CA ALA A 190 -3.03 11.19 -7.24
C ALA A 190 -2.76 11.54 -8.70
N PRO A 191 -3.35 12.62 -9.18
CA PRO A 191 -3.17 12.97 -10.59
C PRO A 191 -1.72 13.25 -10.92
N GLU A 192 -0.96 13.84 -9.98
CA GLU A 192 0.40 14.23 -10.35
C GLU A 192 1.30 13.01 -10.56
N ILE A 193 1.00 11.86 -9.97
CA ILE A 193 1.77 10.67 -10.26
C ILE A 193 1.17 9.89 -11.44
N MET A 194 -0.16 9.83 -11.49
CA MET A 194 -0.82 9.10 -12.56
C MET A 194 -0.42 9.65 -13.93
N LEU A 195 -0.31 10.97 -14.01
CA LEU A 195 -0.02 11.65 -15.27
C LEU A 195 1.40 12.20 -15.35
N ASN A 196 2.28 11.82 -14.43
CA ASN A 196 3.67 12.27 -14.43
C ASN A 196 3.81 13.78 -14.65
N TRP A 197 3.15 14.52 -13.76
CA TRP A 197 3.11 15.96 -13.87
C TRP A 197 4.42 16.63 -13.48
N MET A 198 5.13 16.04 -12.55
CA MET A 198 6.14 16.76 -11.80
CA MET A 198 6.14 16.76 -11.80
C MET A 198 6.80 15.73 -10.89
N HIS A 199 7.91 16.13 -10.30
CA HIS A 199 8.53 15.31 -9.27
C HIS A 199 7.60 15.34 -8.07
N TYR A 200 6.91 14.25 -7.78
CA TYR A 200 5.89 14.30 -6.74
C TYR A 200 6.41 13.93 -5.36
N ASN A 201 5.63 14.29 -4.29
CA ASN A 201 6.05 14.05 -2.91
C ASN A 201 5.26 12.91 -2.23
N GLN A 202 5.53 12.72 -0.94
CA GLN A 202 4.92 11.63 -0.21
C GLN A 202 3.42 11.80 -0.12
N THR A 203 2.90 13.03 -0.28
CA THR A 203 1.47 13.17 -0.08
C THR A 203 0.66 12.58 -1.22
N VAL A 204 1.30 11.99 -2.25
CA VAL A 204 0.49 11.19 -3.16
C VAL A 204 -0.24 10.11 -2.37
N ASP A 205 0.34 9.67 -1.25
CA ASP A 205 -0.30 8.60 -0.50
C ASP A 205 -1.48 9.16 0.28
N ILE A 206 -1.43 10.44 0.64
CA ILE A 206 -2.51 11.08 1.35
C ILE A 206 -3.72 11.24 0.44
N TRP A 207 -3.48 11.62 -0.83
CA TRP A 207 -4.54 11.54 -1.82
C TRP A 207 -5.25 10.20 -1.75
N SER A 208 -4.49 9.09 -1.80
CA SER A 208 -5.10 7.76 -1.71
C SER A 208 -5.93 7.59 -0.44
N VAL A 209 -5.41 8.03 0.69
CA VAL A 209 -6.18 7.95 1.94
C VAL A 209 -7.48 8.72 1.84
N GLY A 210 -7.46 9.92 1.27
CA GLY A 210 -8.72 10.64 1.05
C GLY A 210 -9.72 9.84 0.24
N CYS A 211 -9.26 9.25 -0.87
CA CYS A 211 -10.14 8.41 -1.67
C CYS A 211 -10.70 7.25 -0.86
N ILE A 212 -9.87 6.64 -0.01
CA ILE A 212 -10.33 5.50 0.77
C ILE A 212 -11.35 5.94 1.81
N MET A 213 -11.05 7.03 2.51
CA MET A 213 -11.94 7.54 3.52
C MET A 213 -13.29 7.89 2.91
N ALA A 214 -13.28 8.58 1.75
CA ALA A 214 -14.51 8.91 1.05
C ALA A 214 -15.35 7.67 0.80
N GLU A 215 -14.69 6.61 0.33
CA GLU A 215 -15.38 5.37 0.02
C GLU A 215 -15.90 4.69 1.29
N LEU A 216 -15.19 4.84 2.40
CA LEU A 216 -15.69 4.27 3.64
C LEU A 216 -16.93 5.03 4.11
N LEU A 217 -16.97 6.32 3.84
CA LEU A 217 -18.12 7.10 4.25
C LEU A 217 -19.31 6.88 3.35
N THR A 218 -19.10 6.76 2.04
CA THR A 218 -20.23 6.73 1.11
C THR A 218 -20.61 5.33 0.65
N GLY A 219 -19.73 4.36 0.80
CA GLY A 219 -19.99 3.06 0.24
C GLY A 219 -19.57 2.89 -1.21
N ARG A 220 -19.07 3.91 -1.88
CA ARG A 220 -18.73 3.76 -3.28
CA ARG A 220 -18.73 3.77 -3.28
C ARG A 220 -17.36 4.37 -3.58
N THR A 221 -16.73 3.82 -4.60
CA THR A 221 -15.46 4.32 -5.09
C THR A 221 -15.65 5.78 -5.41
N LEU A 222 -14.75 6.62 -4.92
CA LEU A 222 -14.92 8.05 -5.13
C LEU A 222 -14.71 8.39 -6.60
N PHE A 223 -13.63 7.87 -7.18
CA PHE A 223 -13.27 8.12 -8.57
C PHE A 223 -12.99 6.82 -9.34
N PRO A 224 -14.04 6.11 -9.82
CA PRO A 224 -13.79 4.82 -10.48
C PRO A 224 -13.49 4.98 -11.97
N GLY A 225 -12.37 5.59 -12.32
CA GLY A 225 -12.07 5.81 -13.72
C GLY A 225 -11.72 4.53 -14.45
N THR A 226 -12.09 4.48 -15.72
CA THR A 226 -11.77 3.31 -16.55
C THR A 226 -10.39 3.36 -17.20
N ASP A 227 -9.75 4.51 -17.25
CA ASP A 227 -8.40 4.68 -17.80
C ASP A 227 -7.92 6.00 -17.22
N HIS A 228 -6.69 6.39 -17.54
CA HIS A 228 -6.12 7.57 -16.93
C HIS A 228 -6.84 8.85 -17.34
N ILE A 229 -7.34 8.92 -18.58
CA ILE A 229 -8.06 10.09 -19.06
C ILE A 229 -9.39 10.25 -18.32
N ASP A 230 -10.17 9.16 -18.24
CA ASP A 230 -11.42 9.18 -17.49
C ASP A 230 -11.18 9.40 -16.01
N GLN A 231 -10.07 8.86 -15.51
CA GLN A 231 -9.72 9.05 -14.11
C GLN A 231 -9.54 10.52 -13.78
N LEU A 232 -8.71 11.20 -14.56
CA LEU A 232 -8.55 12.63 -14.34
C LEU A 232 -9.88 13.39 -14.52
N LYS A 233 -10.68 13.04 -15.53
CA LYS A 233 -11.96 13.72 -15.71
C LYS A 233 -12.81 13.65 -14.44
N LEU A 234 -12.91 12.46 -13.85
CA LEU A 234 -13.67 12.28 -12.62
C LEU A 234 -13.08 13.09 -11.49
N ILE A 235 -11.74 13.11 -11.36
CA ILE A 235 -11.10 13.89 -10.29
C ILE A 235 -11.42 15.37 -10.44
N LEU A 236 -11.23 15.91 -11.63
CA LEU A 236 -11.37 17.35 -11.77
C LEU A 236 -12.82 17.78 -11.61
N ARG A 237 -13.76 16.86 -11.85
CA ARG A 237 -15.16 17.16 -11.62
CA ARG A 237 -15.16 17.17 -11.62
C ARG A 237 -15.43 17.43 -10.15
N LEU A 238 -14.68 16.83 -9.24
CA LEU A 238 -14.83 17.14 -7.83
C LEU A 238 -13.97 18.34 -7.41
N VAL A 239 -12.67 18.30 -7.71
CA VAL A 239 -11.74 19.27 -7.14
C VAL A 239 -11.48 20.45 -8.06
N GLY A 240 -12.02 20.45 -9.26
CA GLY A 240 -11.82 21.53 -10.17
C GLY A 240 -10.50 21.44 -10.91
N THR A 241 -10.43 22.15 -12.03
CA THR A 241 -9.20 22.15 -12.82
CA THR A 241 -9.20 22.17 -12.83
C THR A 241 -8.12 22.97 -12.11
N PRO A 242 -6.84 22.61 -12.29
CA PRO A 242 -5.74 23.42 -11.75
C PRO A 242 -5.88 24.89 -12.08
N GLY A 243 -5.63 25.76 -11.13
CA GLY A 243 -5.49 27.16 -11.46
C GLY A 243 -4.07 27.51 -11.89
N ALA A 244 -3.87 28.80 -12.12
CA ALA A 244 -2.62 29.28 -12.70
C ALA A 244 -1.41 28.86 -11.87
N GLU A 245 -1.54 28.89 -10.54
CA GLU A 245 -0.38 28.69 -9.68
C GLU A 245 0.10 27.26 -9.81
N LEU A 246 -0.85 26.33 -9.84
CA LEU A 246 -0.49 24.93 -9.92
C LEU A 246 -0.07 24.55 -11.34
N LEU A 247 -0.66 25.16 -12.37
CA LEU A 247 -0.26 24.80 -13.74
C LEU A 247 1.22 25.03 -13.92
N LYS A 248 1.70 26.14 -13.38
CA LYS A 248 3.11 26.51 -13.47
C LYS A 248 4.01 25.52 -12.77
N LYS A 249 3.46 24.73 -11.86
CA LYS A 249 4.21 23.69 -11.19
C LYS A 249 4.19 22.38 -11.95
N ILE A 250 3.34 22.27 -12.97
CA ILE A 250 3.33 21.07 -13.79
C ILE A 250 4.51 21.22 -14.72
N SER A 251 5.62 20.59 -14.38
CA SER A 251 6.85 20.88 -15.12
C SER A 251 6.99 20.04 -16.39
N SER A 252 6.25 18.94 -16.51
CA SER A 252 6.14 18.24 -17.78
C SER A 252 5.38 19.11 -18.78
N GLU A 253 6.02 19.48 -19.86
CA GLU A 253 5.36 20.30 -20.88
C GLU A 253 4.16 19.58 -21.51
N SER A 254 4.31 18.30 -21.86
CA SER A 254 3.19 17.56 -22.44
C SER A 254 2.04 17.45 -21.45
N ALA A 255 2.35 17.24 -20.18
CA ALA A 255 1.27 17.12 -19.21
C ALA A 255 0.58 18.45 -19.04
N ARG A 256 1.36 19.54 -19.00
CA ARG A 256 0.77 20.84 -18.78
C ARG A 256 -0.06 21.25 -19.97
N ASN A 257 0.41 20.96 -21.17
CA ASN A 257 -0.35 21.33 -22.37
C ASN A 257 -1.67 20.58 -22.43
N TYR A 258 -1.67 19.32 -22.03
CA TYR A 258 -2.93 18.59 -21.93
C TYR A 258 -3.88 19.25 -20.94
N ILE A 259 -3.44 19.48 -19.69
CA ILE A 259 -4.34 20.06 -18.70
C ILE A 259 -4.87 21.41 -19.20
N GLN A 260 -3.99 22.24 -19.76
CA GLN A 260 -4.43 23.54 -20.22
C GLN A 260 -5.44 23.42 -21.35
N SER A 261 -5.51 22.27 -22.03
CA SER A 261 -6.45 22.11 -23.13
C SER A 261 -7.84 21.73 -22.66
N LEU A 262 -8.01 21.38 -21.40
CA LEU A 262 -9.32 20.94 -20.94
C LEU A 262 -10.23 22.12 -20.62
N THR A 263 -11.54 21.88 -20.77
N THR A 263 -11.52 21.89 -20.74
CA THR A 263 -12.56 22.80 -20.28
CA THR A 263 -12.46 22.91 -20.35
C THR A 263 -12.38 22.98 -18.78
C THR A 263 -12.47 23.00 -18.82
N GLN A 264 -12.39 24.23 -18.34
CA GLN A 264 -12.29 24.47 -16.91
C GLN A 264 -13.47 23.90 -16.15
N MET A 265 -13.21 23.35 -14.98
CA MET A 265 -14.22 22.82 -14.09
C MET A 265 -14.13 23.51 -12.74
N PRO A 266 -15.27 23.82 -12.13
CA PRO A 266 -15.27 24.44 -10.81
C PRO A 266 -14.98 23.42 -9.73
N LYS A 267 -14.33 23.85 -8.64
CA LYS A 267 -14.21 23.01 -7.46
C LYS A 267 -15.57 22.89 -6.79
N MET A 268 -15.92 21.67 -6.37
N MET A 268 -15.92 21.67 -6.37
CA MET A 268 -17.16 21.45 -5.64
CA MET A 268 -17.17 21.45 -5.67
C MET A 268 -16.94 21.71 -4.16
C MET A 268 -16.98 21.62 -4.16
N ASN A 269 -18.03 22.06 -3.50
CA ASN A 269 -18.02 22.25 -2.06
C ASN A 269 -18.27 20.86 -1.46
N PHE A 270 -17.28 20.33 -0.76
CA PHE A 270 -17.43 18.96 -0.27
C PHE A 270 -18.57 18.82 0.74
N ALA A 271 -18.93 19.90 1.42
CA ALA A 271 -20.03 19.81 2.36
C ALA A 271 -21.30 19.42 1.64
N ASN A 272 -21.42 19.77 0.34
CA ASN A 272 -22.60 19.42 -0.42
C ASN A 272 -22.45 18.09 -1.15
N VAL A 273 -21.23 17.57 -1.27
CA VAL A 273 -21.03 16.23 -1.83
C VAL A 273 -21.21 15.16 -0.76
N PHE A 274 -20.63 15.35 0.42
CA PHE A 274 -20.66 14.30 1.45
C PHE A 274 -21.78 14.55 2.45
N ILE A 275 -23.00 14.47 1.93
CA ILE A 275 -24.19 14.78 2.68
C ILE A 275 -24.28 13.90 3.91
N GLY A 276 -24.42 14.55 5.06
CA GLY A 276 -24.67 13.89 6.31
C GLY A 276 -23.44 13.33 6.96
N ALA A 277 -22.27 13.65 6.45
CA ALA A 277 -21.03 13.24 7.08
C ALA A 277 -20.68 14.16 8.24
N ASN A 278 -19.97 13.61 9.20
CA ASN A 278 -19.34 14.38 10.25
C ASN A 278 -18.65 15.57 9.60
N PRO A 279 -18.98 16.81 9.98
CA PRO A 279 -18.28 17.97 9.42
C PRO A 279 -16.76 17.89 9.51
N LEU A 280 -16.26 17.28 10.59
CA LEU A 280 -14.81 17.15 10.71
C LEU A 280 -14.26 16.16 9.67
N ALA A 281 -15.07 15.18 9.25
CA ALA A 281 -14.63 14.27 8.20
C ALA A 281 -14.60 14.99 6.87
N VAL A 282 -15.58 15.84 6.63
CA VAL A 282 -15.59 16.61 5.40
C VAL A 282 -14.38 17.52 5.36
N ASP A 283 -14.07 18.15 6.49
CA ASP A 283 -12.95 19.07 6.56
C ASP A 283 -11.62 18.36 6.31
N LEU A 284 -11.43 17.19 6.91
CA LEU A 284 -10.25 16.41 6.59
C LEU A 284 -10.20 16.01 5.12
N LEU A 285 -11.32 15.57 4.55
CA LEU A 285 -11.29 15.21 3.14
C LEU A 285 -10.83 16.38 2.28
N GLU A 286 -11.30 17.59 2.60
N GLU A 286 -11.34 17.59 2.57
CA GLU A 286 -10.94 18.80 1.85
CA GLU A 286 -10.92 18.77 1.84
C GLU A 286 -9.46 19.09 1.96
C GLU A 286 -9.40 18.89 1.85
N LYS A 287 -8.78 18.58 2.99
CA LYS A 287 -7.36 18.82 3.14
C LYS A 287 -6.53 17.71 2.51
N MET A 288 -7.10 16.53 2.33
N MET A 288 -7.11 16.52 2.33
CA MET A 288 -6.36 15.46 1.69
CA MET A 288 -6.40 15.40 1.73
C MET A 288 -6.50 15.53 0.18
C MET A 288 -6.58 15.34 0.22
N LEU A 289 -7.70 15.83 -0.30
CA LEU A 289 -7.97 15.83 -1.74
C LEU A 289 -7.74 17.20 -2.36
N VAL A 290 -6.60 17.82 -2.12
N VAL A 290 -6.65 17.84 -1.94
CA VAL A 290 -6.25 19.06 -2.81
CA VAL A 290 -6.16 19.07 -2.55
C VAL A 290 -5.35 18.69 -3.97
C VAL A 290 -5.36 18.70 -3.78
N LEU A 291 -5.62 19.28 -5.14
N LEU A 291 -5.63 19.39 -4.87
CA LEU A 291 -4.80 18.98 -6.30
CA LEU A 291 -4.95 19.03 -6.10
C LEU A 291 -3.35 19.32 -6.01
C LEU A 291 -3.46 19.33 -6.00
N ASP A 292 -3.10 20.48 -5.42
CA ASP A 292 -1.74 20.95 -5.31
C ASP A 292 -1.08 20.26 -4.13
N SER A 293 -0.15 19.37 -4.45
CA SER A 293 0.44 18.62 -3.38
C SER A 293 1.38 19.41 -2.49
N ASP A 294 1.78 20.64 -2.87
CA ASP A 294 2.42 21.51 -1.88
C ASP A 294 1.45 21.89 -0.75
N LYS A 295 0.15 21.75 -0.97
CA LYS A 295 -0.83 22.23 -0.01
C LYS A 295 -1.56 21.10 0.68
N ARG A 296 -1.29 19.88 0.26
CA ARG A 296 -1.97 18.71 0.77
C ARG A 296 -1.43 18.39 2.16
N ILE A 297 -2.33 17.99 3.04
CA ILE A 297 -1.94 17.66 4.41
C ILE A 297 -1.03 16.41 4.45
N THR A 298 -0.08 16.40 5.41
CA THR A 298 0.78 15.24 5.57
C THR A 298 0.18 14.23 6.54
N ALA A 299 0.77 13.03 6.59
CA ALA A 299 0.25 12.05 7.55
C ALA A 299 0.35 12.59 8.97
N ALA A 300 1.50 13.16 9.35
CA ALA A 300 1.65 13.65 10.72
C ALA A 300 0.65 14.75 11.03
N GLN A 301 0.51 15.71 10.11
CA GLN A 301 -0.50 16.76 10.32
C GLN A 301 -1.89 16.15 10.42
N ALA A 302 -2.21 15.19 9.55
CA ALA A 302 -3.57 14.67 9.55
C ALA A 302 -3.89 13.94 10.85
N LEU A 303 -2.89 13.31 11.47
CA LEU A 303 -3.11 12.62 12.75
C LEU A 303 -3.55 13.59 13.83
N ALA A 304 -3.13 14.84 13.74
CA ALA A 304 -3.45 15.92 14.66
C ALA A 304 -4.80 16.59 14.36
N HIS A 305 -5.49 16.17 13.30
CA HIS A 305 -6.76 16.78 12.94
C HIS A 305 -7.81 16.37 13.96
N ALA A 306 -8.74 17.30 14.23
CA ALA A 306 -9.76 17.07 15.26
C ALA A 306 -10.65 15.88 14.95
N TYR A 307 -10.75 15.46 13.69
CA TYR A 307 -11.48 14.23 13.41
C TYR A 307 -10.98 13.04 14.23
N PHE A 308 -9.68 13.00 14.54
CA PHE A 308 -9.09 11.85 15.25
C PHE A 308 -8.88 12.12 16.73
N ALA A 309 -9.61 13.08 17.31
CA ALA A 309 -9.36 13.42 18.71
C ALA A 309 -9.48 12.23 19.64
N GLN A 310 -10.36 11.26 19.33
CA GLN A 310 -10.57 10.09 20.17
C GLN A 310 -9.36 9.17 20.24
N TYR A 311 -8.47 9.21 19.24
CA TYR A 311 -7.38 8.26 19.11
C TYR A 311 -6.02 8.92 19.11
N HIS A 312 -5.94 10.21 18.85
CA HIS A 312 -4.64 10.82 18.59
C HIS A 312 -3.81 10.91 19.87
N ASP A 313 -2.60 10.46 19.80
CA ASP A 313 -1.69 10.46 20.94
C ASP A 313 -0.31 10.69 20.38
N PRO A 314 0.21 11.91 20.47
CA PRO A 314 1.50 12.22 19.82
C PRO A 314 2.68 11.47 20.41
N ASP A 315 2.59 10.92 21.61
CA ASP A 315 3.64 10.08 22.13
C ASP A 315 3.48 8.61 21.74
N ASP A 316 2.49 8.25 20.95
CA ASP A 316 2.35 6.87 20.50
C ASP A 316 2.10 6.82 18.98
N GLU A 317 2.81 7.68 18.23
CA GLU A 317 2.76 7.75 16.76
C GLU A 317 4.21 7.75 16.29
N PRO A 318 4.86 6.61 16.41
CA PRO A 318 6.32 6.53 16.28
C PRO A 318 6.80 6.59 14.84
N VAL A 319 8.08 6.91 14.70
CA VAL A 319 8.71 7.03 13.40
C VAL A 319 9.68 5.86 13.24
N ALA A 320 10.17 5.69 12.02
CA ALA A 320 11.02 4.55 11.72
C ALA A 320 12.49 4.86 12.04
N ASP A 321 13.22 3.79 12.37
CA ASP A 321 14.67 3.83 12.38
C ASP A 321 15.21 4.16 10.99
N PRO A 322 16.41 4.72 10.88
CA PRO A 322 16.95 5.09 9.57
C PRO A 322 17.03 3.86 8.66
N TYR A 323 16.56 4.04 7.45
CA TYR A 323 16.47 2.97 6.47
C TYR A 323 17.46 3.26 5.34
N ASP A 324 18.40 2.35 5.14
CA ASP A 324 19.52 2.56 4.22
C ASP A 324 19.06 2.18 2.82
N GLN A 325 18.79 3.19 1.99
CA GLN A 325 18.37 2.92 0.63
C GLN A 325 19.47 3.12 -0.40
N SER A 326 20.74 3.05 0.00
N SER A 326 20.73 3.08 0.03
CA SER A 326 21.77 3.28 -1.00
CA SER A 326 21.86 3.20 -0.90
C SER A 326 21.78 2.20 -2.09
C SER A 326 21.68 2.25 -2.08
N PHE A 327 21.17 1.05 -1.83
CA PHE A 327 21.08 0.04 -2.87
C PHE A 327 20.29 0.54 -4.07
N GLU A 328 19.40 1.49 -3.87
CA GLU A 328 18.52 1.90 -4.96
C GLU A 328 19.30 2.49 -6.13
N SER A 329 20.45 3.09 -5.86
CA SER A 329 21.24 3.72 -6.89
C SER A 329 22.24 2.77 -7.55
N ARG A 330 22.27 1.50 -7.16
CA ARG A 330 23.29 0.60 -7.66
C ARG A 330 22.77 -0.08 -8.94
N ASP A 331 23.67 -0.32 -9.87
N ASP A 331 23.72 -0.37 -9.83
CA ASP A 331 23.33 -1.04 -11.10
CA ASP A 331 23.52 -1.02 -11.12
C ASP A 331 24.12 -2.34 -11.05
C ASP A 331 24.19 -2.38 -11.02
N LEU A 332 23.43 -3.40 -10.66
CA LEU A 332 24.00 -4.70 -10.43
C LEU A 332 23.43 -5.71 -11.42
N LEU A 333 24.17 -6.79 -11.55
CA LEU A 333 23.75 -7.96 -12.27
C LEU A 333 22.82 -8.83 -11.43
N ILE A 334 22.07 -9.70 -12.11
CA ILE A 334 21.13 -10.60 -11.44
C ILE A 334 21.82 -11.34 -10.32
N ASP A 335 22.97 -11.93 -10.61
CA ASP A 335 23.63 -12.73 -9.59
C ASP A 335 24.05 -11.89 -8.39
N GLU A 336 24.25 -10.59 -8.57
CA GLU A 336 24.64 -9.76 -7.43
C GLU A 336 23.41 -9.42 -6.59
N TRP A 337 22.31 -9.01 -7.25
CA TRP A 337 21.05 -8.87 -6.51
C TRP A 337 20.68 -10.17 -5.81
N LYS A 338 20.93 -11.33 -6.45
CA LYS A 338 20.58 -12.62 -5.84
C LYS A 338 21.40 -12.85 -4.58
N SER A 339 22.69 -12.56 -4.64
CA SER A 339 23.56 -12.79 -3.50
C SER A 339 23.22 -11.84 -2.33
N LEU A 340 22.90 -10.59 -2.61
CA LEU A 340 22.49 -9.70 -1.52
C LEU A 340 21.18 -10.17 -0.88
N THR A 341 20.27 -10.68 -1.69
CA THR A 341 19.04 -11.22 -1.17
C THR A 341 19.31 -12.43 -0.30
N TYR A 342 20.17 -13.33 -0.78
CA TYR A 342 20.50 -14.52 -0.01
C TYR A 342 21.07 -14.13 1.35
N ASP A 343 22.01 -13.17 1.35
CA ASP A 343 22.54 -12.63 2.59
C ASP A 343 21.42 -12.20 3.54
N GLU A 344 20.41 -11.53 3.00
CA GLU A 344 19.37 -10.99 3.88
C GLU A 344 18.50 -12.12 4.38
N VAL A 345 18.35 -13.19 3.60
CA VAL A 345 17.59 -14.33 4.07
C VAL A 345 18.31 -14.99 5.24
N ILE A 346 19.62 -15.19 5.10
CA ILE A 346 20.43 -15.88 6.10
C ILE A 346 20.53 -15.04 7.37
N SER A 347 20.53 -13.73 7.25
CA SER A 347 20.71 -12.91 8.44
C SER A 347 19.40 -12.63 9.18
N PHE A 348 18.27 -13.09 8.66
CA PHE A 348 17.00 -12.76 9.28
C PHE A 348 16.94 -13.30 10.70
N VAL A 349 16.35 -12.52 11.59
CA VAL A 349 16.11 -12.93 12.97
C VAL A 349 14.64 -12.75 13.28
N PRO A 350 13.88 -13.81 13.55
CA PRO A 350 12.47 -13.63 13.89
C PRO A 350 12.32 -12.60 14.99
N PRO A 351 11.22 -11.88 15.05
CA PRO A 351 10.90 -11.11 16.26
C PRO A 351 10.55 -12.08 17.39
N PRO A 352 10.71 -11.65 18.65
CA PRO A 352 10.57 -12.55 19.82
C PRO A 352 9.22 -13.24 19.99
S SO4 B . -1.81 -5.99 -6.78
O1 SO4 B . -0.54 -6.00 -6.04
O2 SO4 B . -2.96 -5.87 -5.86
O3 SO4 B . -1.87 -4.77 -7.63
O4 SO4 B . -1.96 -7.18 -7.66
C1 EDO C . -21.99 9.19 6.71
O1 EDO C . -20.88 8.98 7.56
C2 EDO C . -21.58 9.63 5.32
O2 EDO C . -22.76 9.84 4.55
C1 EDO D . -21.54 12.09 12.51
O1 EDO D . -22.14 11.90 13.78
C2 EDO D . -21.54 10.84 11.65
O2 EDO D . -22.53 10.84 10.63
C1 GOL E . -0.30 21.71 4.33
O1 GOL E . -0.73 21.01 5.47
C2 GOL E . 1.13 21.29 4.09
O2 GOL E . 1.46 21.63 2.78
C3 GOL E . 2.05 22.01 5.07
O3 GOL E . 3.21 21.21 5.16
C1 EDO F . -11.53 0.09 18.96
O1 EDO F . -10.19 0.04 19.36
C2 EDO F . -12.30 0.78 20.05
O2 EDO F . -11.83 2.12 20.12
S DMS G . 2.81 1.79 -11.93
O DMS G . 2.46 3.22 -11.69
C1 DMS G . 4.54 1.28 -12.01
C2 DMS G . 1.62 0.47 -12.33
C1 EDO H . -1.86 2.23 -13.90
O1 EDO H . -2.53 3.09 -13.02
C2 EDO H . -2.85 1.44 -14.72
O2 EDO H . -4.10 2.10 -14.76
C1 PDO I . 5.79 -1.88 -4.62
O1 PDO I . 6.95 -1.16 -4.25
C2 PDO I . 5.64 -2.26 -6.09
C3 PDO I . 4.29 -2.96 -6.22
O3 PDO I . 4.17 -3.66 -7.46
S DMS J . 21.32 7.25 0.73
O DMS J . 22.78 7.24 0.45
C1 DMS J . 20.51 6.92 -0.82
C2 DMS J . 20.84 8.94 0.89
N1 A1AWV K . -3.61 -10.27 4.78
N1 A1AWV K . -3.64 -10.82 4.73
N3 A1AWV K . 3.98 -8.14 0.73
N3 A1AWV K . 3.94 -8.16 0.82
C4 A1AWV K . -1.32 -10.52 4.46
C4 A1AWV K . -1.38 -10.63 4.31
C5 A1AWV K . -2.56 -10.38 3.71
C5 A1AWV K . -2.64 -10.83 3.62
C6 A1AWV K . -2.54 -10.38 2.34
C6 A1AWV K . -2.72 -10.98 2.26
C7 A1AWV K . -1.35 -10.52 1.66
C7 A1AWV K . -1.54 -10.94 1.54
C8 A1AWV K . -0.12 -10.67 2.34
C8 A1AWV K . -0.29 -10.74 2.16
C10 A1AWV K . 3.18 -10.16 1.93
C10 A1AWV K . 3.00 -10.14 1.87
C13 A1AWV K . 5.31 -4.72 0.99
C13 A1AWV K . 5.35 -4.66 0.94
C15 A1AWV K . 5.33 -2.65 1.72
C15 A1AWV K . 5.25 -2.57 1.71
C17 A1AWV K . 5.53 -0.19 1.64
C17 A1AWV K . 5.29 -0.11 1.74
C20 A1AWV K . 6.58 -4.28 -1.19
C20 A1AWV K . 6.60 -4.18 -1.23
C21 A1AWV K . 7.91 -3.62 -1.50
C21 A1AWV K . 7.99 -3.64 -1.55
C22 A1AWV K . 8.52 -3.86 -2.62
C22 A1AWV K . 8.57 -3.93 -2.68
C24 A1AWV K . 8.62 -5.05 -4.95
C24 A1AWV K . 8.56 -5.13 -5.01
C26 A1AWV K . 6.00 -5.07 -2.08
C26 A1AWV K . 5.97 -4.92 -2.12
C28 A1AWV K . 4.62 -11.41 3.38
C28 A1AWV K . 4.51 -11.53 3.15
C1 A1AWV K . -5.68 -11.42 4.17
C1 A1AWV K . -5.76 -9.66 4.27
C11 A1AWV K . 2.88 -8.99 1.06
C11 A1AWV K . 2.71 -8.85 1.15
C12 A1AWV K . 3.99 -6.78 1.19
C12 A1AWV K . 4.01 -6.74 1.08
C14 A1AWV K . 4.87 -3.95 2.02
C14 A1AWV K . 4.88 -3.91 1.98
C16 A1AWV K . 5.16 -1.37 2.53
C16 A1AWV K . 4.98 -1.35 2.56
C18 A1AWV K . 6.12 -1.47 3.71
C18 A1AWV K . 5.87 -1.42 3.80
C19 A1AWV K . 3.72 -1.28 2.98
C19 A1AWV K . 3.52 -1.36 2.97
C2 A1AWV K . -5.04 -10.08 4.54
C2 A1AWV K . -5.06 -10.99 4.53
C23 A1AWV K . 7.89 -4.78 -3.64
C23 A1AWV K . 7.86 -4.80 -3.69
C25 A1AWV K . 6.73 -5.34 -3.39
C25 A1AWV K . 6.66 -5.26 -3.44
C27 A1AWV K . 4.49 -10.34 2.63
C27 A1AWV K . 4.33 -10.39 2.52
C29 A1AWV K . 3.51 -12.43 3.55
C29 A1AWV K . 3.42 -12.59 3.21
C3 A1AWV K . -1.83 -10.44 5.75
C3 A1AWV K . -1.84 -10.53 5.61
C30 A1AWV K . 2.38 -12.25 2.95
C30 A1AWV K . 2.25 -12.36 2.64
C31 A1AWV K . -0.11 -10.66 3.77
C31 A1AWV K . -0.21 -10.59 3.57
C9 A1AWV K . 2.20 -11.02 2.11
C9 A1AWV K . 2.03 -11.03 1.93
F1 A1AWV K . 5.72 -11.67 4.08
F1 A1AWV K . 5.68 -11.78 3.76
N2 A1AWV K . -3.07 -10.31 6.01
N2 A1AWV K . -3.06 -10.64 5.93
N4 A1AWV K . 5.14 -6.06 0.72
N4 A1AWV K . 5.23 -6.06 0.73
N5 A1AWV K . 5.97 -2.65 0.54
N5 A1AWV K . 5.91 -2.53 0.52
N6 A1AWV K . 5.96 -3.93 0.07
N6 A1AWV K . 5.97 -3.82 0.03
O1 A1AWV K . -5.95 -12.07 5.38
O1 A1AWV K . -5.36 -9.13 3.03
O2 A1AWV K . 1.00 -10.80 1.49
O2 A1AWV K . 0.83 -10.72 1.32
O3 A1AWV K . 3.15 -6.31 1.90
O3 A1AWV K . 3.09 -6.17 1.57
#